data_6SWX
#
_entry.id   6SWX
#
_cell.length_a   54.178
_cell.length_b   100.791
_cell.length_c   132.056
_cell.angle_alpha   90.000
_cell.angle_beta   90.000
_cell.angle_gamma   90.000
#
_symmetry.space_group_name_H-M   'P 21 21 21'
#
loop_
_entity.id
_entity.type
_entity.pdbx_description
1 polymer 'Putative methionyl-tRNA synthetase'
2 non-polymer 'methyl 2-[[6-[[3,4-bis(fluoranyl)phenyl]amino]-1-methyl-pyrazolo[3,4-d]pyrimidin-4-yl]amino]ethanoate'
3 non-polymer METHIONINE
4 water water
#
_entity_poly.entity_id   1
_entity_poly.type   'polypeptide(L)'
_entity_poly.pdbx_seq_one_letter_code
;MAHHHHHHMGTLEAQTQGPGSMKKQKVFFATTPIYYVNASPHIGHVYSTLIVDVLGRYHRVKGEEVFVMTGTDEHGQKVA
EAAAKQGVSPMDFTTSVSSEFKQCFQEMNYDMNYFIRTTNPTHEKLVQDIWKKLAAKGDIYLGKYEGWYSVSDESFLTAQ
NVADGVDRDGKPCKVSLESGHVVTWVEEENYMFRLSAFRERLLKYFHDHPNCIVPEFRRREVIKTVEKGLFDLSISRKRE
SVMNWSIPVPGDERHCIYVWLDALFNYYTGALTRVATDGTETLDEDHHALNRWPADVHVVGKDILKFHAIYWPAFLMSAE
LPLPERLVSHGWWTKDHKKISKSLGNAFDPVEKAKEFGIDALKYFLMRESNFQDDGDYSDKNMVARLNGELADTLGNLVS
RCVAPKINVNGMWPEPAEYSESDKTLIASLNNLAGTVDHYYCLPDIQHALIAIFDVLRSLNAYVTENAPWKLVKMDTARL
GTVLYVTMEGLRICTMFLQPVMPQKAKEIMDALGVPEAARVGMENYLFGIVKPGTKIAGLAEGQVVFQKVTLPTEEGERS
SKGQ
;
_entity_poly.pdbx_strand_id   A
#
# COMPACT_ATOMS: atom_id res chain seq x y z
N MET A 22 -3.66 12.06 29.64
CA MET A 22 -4.65 12.27 28.52
C MET A 22 -3.88 12.50 27.20
N LYS A 23 -2.79 11.76 26.99
CA LYS A 23 -2.04 11.74 25.72
C LYS A 23 -2.65 10.65 24.83
N LYS A 24 -2.93 10.96 23.57
CA LYS A 24 -3.42 9.96 22.57
C LYS A 24 -2.24 9.37 21.78
N GLN A 25 -2.33 8.09 21.43
CA GLN A 25 -1.36 7.40 20.56
C GLN A 25 -1.38 8.15 19.22
N LYS A 26 -0.23 8.32 18.56
CA LYS A 26 -0.24 8.93 17.18
C LYS A 26 -1.16 8.08 16.30
N VAL A 27 -2.02 8.71 15.49
CA VAL A 27 -2.77 7.98 14.44
C VAL A 27 -1.82 7.21 13.51
N PHE A 28 -2.16 5.95 13.15
CA PHE A 28 -1.43 5.15 12.14
C PHE A 28 -1.62 5.83 10.79
N PHE A 29 -0.51 6.22 10.15
CA PHE A 29 -0.49 7.03 8.91
C PHE A 29 0.45 6.35 7.92
N ALA A 30 -0.16 5.94 6.80
CA ALA A 30 0.51 5.27 5.69
C ALA A 30 0.04 5.91 4.39
N THR A 31 0.97 5.96 3.44
CA THR A 31 0.78 6.63 2.15
C THR A 31 1.12 5.72 0.97
N THR A 32 0.38 5.88 -0.13
CA THR A 32 0.84 5.47 -1.48
C THR A 32 1.60 6.65 -2.10
N PRO A 33 2.38 6.40 -3.17
CA PRO A 33 2.81 7.49 -4.03
C PRO A 33 1.52 8.11 -4.61
N ILE A 34 1.59 9.38 -4.99
CA ILE A 34 0.55 10.01 -5.86
C ILE A 34 0.94 9.78 -7.31
N TYR A 35 -0.03 9.33 -8.08
CA TYR A 35 0.19 8.75 -9.42
C TYR A 35 0.07 9.82 -10.53
N TYR A 36 0.93 9.76 -11.53
CA TYR A 36 0.83 10.56 -12.79
C TYR A 36 -0.50 10.25 -13.52
N VAL A 37 -1.06 11.24 -14.23
CA VAL A 37 -2.43 11.11 -14.83
C VAL A 37 -2.31 11.16 -16.36
N ASN A 38 -1.15 10.79 -16.90
CA ASN A 38 -0.90 10.68 -18.36
C ASN A 38 -1.34 9.28 -18.84
N ALA A 39 -1.77 8.38 -17.95
CA ALA A 39 -2.25 7.03 -18.29
C ALA A 39 -3.41 6.63 -17.34
N SER A 40 -4.27 5.71 -17.78
CA SER A 40 -5.29 5.02 -16.95
C SER A 40 -4.62 4.22 -15.82
N PRO A 41 -5.32 3.98 -14.68
CA PRO A 41 -4.76 3.15 -13.61
C PRO A 41 -4.42 1.75 -14.13
N HIS A 42 -3.24 1.23 -13.80
CA HIS A 42 -2.77 -0.13 -14.19
C HIS A 42 -2.27 -0.90 -12.94
N ILE A 43 -1.71 -2.08 -13.17
CA ILE A 43 -1.29 -3.04 -12.10
C ILE A 43 -0.36 -2.35 -11.08
N GLY A 44 0.60 -1.53 -11.53
CA GLY A 44 1.56 -0.85 -10.65
C GLY A 44 0.86 -0.03 -9.58
N HIS A 45 -0.08 0.82 -9.96
CA HIS A 45 -0.89 1.67 -9.05
C HIS A 45 -1.79 0.79 -8.17
N VAL A 46 -2.34 -0.27 -8.73
CA VAL A 46 -3.26 -1.17 -7.97
C VAL A 46 -2.46 -1.91 -6.87
N TYR A 47 -1.23 -2.36 -7.13
CA TYR A 47 -0.37 -3.10 -6.17
C TYR A 47 0.05 -2.18 -5.04
N SER A 48 0.57 -0.98 -5.33
CA SER A 48 1.01 0.02 -4.34
C SER A 48 -0.15 0.35 -3.44
N THR A 49 -1.33 0.56 -4.03
CA THR A 49 -2.54 0.93 -3.26
C THR A 49 -3.04 -0.24 -2.43
N LEU A 50 -3.01 -1.46 -2.96
CA LEU A 50 -3.37 -2.66 -2.17
C LEU A 50 -2.47 -2.78 -0.94
N ILE A 51 -1.15 -2.57 -1.09
CA ILE A 51 -0.21 -2.75 0.05
C ILE A 51 -0.67 -1.80 1.12
N VAL A 52 -0.84 -0.55 0.77
CA VAL A 52 -1.23 0.48 1.76
C VAL A 52 -2.61 0.14 2.33
N ASP A 53 -3.50 -0.38 1.49
CA ASP A 53 -4.91 -0.66 1.95
C ASP A 53 -4.82 -1.76 3.00
N VAL A 54 -3.96 -2.75 2.76
CA VAL A 54 -3.79 -3.88 3.73
C VAL A 54 -3.24 -3.34 5.08
N LEU A 55 -2.20 -2.52 5.07
CA LEU A 55 -1.61 -1.98 6.31
C LEU A 55 -2.70 -1.21 7.06
N GLY A 56 -3.40 -0.34 6.38
CA GLY A 56 -4.48 0.42 7.02
C GLY A 56 -5.49 -0.48 7.68
N ARG A 57 -5.93 -1.50 6.96
CA ARG A 57 -6.97 -2.41 7.45
C ARG A 57 -6.43 -3.18 8.65
N TYR A 58 -5.14 -3.55 8.65
CA TYR A 58 -4.57 -4.32 9.79
C TYR A 58 -4.62 -3.42 11.02
N HIS A 59 -4.21 -2.15 10.90
CA HIS A 59 -4.15 -1.25 12.07
C HIS A 59 -5.58 -0.94 12.55
N ARG A 60 -6.61 -0.97 11.69
CA ARG A 60 -8.04 -0.86 12.17
C ARG A 60 -8.43 -2.14 12.91
N VAL A 61 -8.02 -3.30 12.41
CA VAL A 61 -8.27 -4.59 13.11
C VAL A 61 -7.62 -4.56 14.51
N LYS A 62 -6.45 -3.94 14.62
CA LYS A 62 -5.67 -3.80 15.87
C LYS A 62 -6.38 -2.82 16.82
N GLY A 63 -7.42 -2.12 16.36
CA GLY A 63 -8.17 -1.15 17.16
C GLY A 63 -7.57 0.26 17.18
N GLU A 64 -6.63 0.58 16.28
CA GLU A 64 -5.99 1.90 16.29
C GLU A 64 -6.84 2.85 15.44
N GLU A 65 -6.65 4.14 15.67
CA GLU A 65 -6.99 5.19 14.69
C GLU A 65 -6.07 5.07 13.47
N VAL A 66 -6.65 5.22 12.30
CA VAL A 66 -5.92 5.00 11.02
C VAL A 66 -6.21 6.13 10.06
N PHE A 67 -5.20 6.59 9.36
CA PHE A 67 -5.38 7.51 8.21
C PHE A 67 -4.43 7.07 7.12
N VAL A 68 -4.98 6.52 6.05
CA VAL A 68 -4.18 6.10 4.85
C VAL A 68 -4.69 6.91 3.67
N MET A 69 -3.77 7.28 2.81
CA MET A 69 -4.03 8.23 1.71
C MET A 69 -3.37 7.76 0.44
N THR A 70 -3.96 8.21 -0.65
CA THR A 70 -3.48 8.05 -2.04
C THR A 70 -3.83 9.35 -2.79
N GLY A 71 -3.61 9.38 -4.09
CA GLY A 71 -3.97 10.59 -4.86
C GLY A 71 -3.20 10.68 -6.14
N THR A 72 -3.31 11.85 -6.76
CA THR A 72 -2.83 12.04 -8.15
C THR A 72 -1.88 13.24 -8.19
N ASP A 73 -0.84 13.07 -9.00
CA ASP A 73 0.28 13.98 -9.28
C ASP A 73 -0.03 14.68 -10.63
N GLU A 74 -0.57 15.89 -10.60
CA GLU A 74 -1.34 16.47 -11.74
C GLU A 74 -0.59 17.60 -12.45
N HIS A 75 0.52 18.14 -11.92
CA HIS A 75 1.18 19.33 -12.52
C HIS A 75 2.23 18.93 -13.55
N GLY A 76 2.64 19.90 -14.38
CA GLY A 76 3.84 19.82 -15.25
C GLY A 76 3.54 19.92 -16.73
N GLN A 77 4.62 20.01 -17.50
CA GLN A 77 4.59 20.21 -18.97
C GLN A 77 3.86 19.05 -19.68
N LYS A 78 4.20 17.82 -19.32
CA LYS A 78 3.67 16.62 -20.01
C LYS A 78 2.13 16.65 -19.90
N VAL A 79 1.58 17.01 -18.74
CA VAL A 79 0.09 17.03 -18.59
C VAL A 79 -0.47 18.17 -19.46
N ALA A 80 0.23 19.30 -19.53
CA ALA A 80 -0.28 20.47 -20.29
C ALA A 80 -0.37 20.06 -21.76
N GLU A 81 0.71 19.47 -22.28
CA GLU A 81 0.79 19.03 -23.70
C GLU A 81 -0.27 17.96 -23.98
N ALA A 82 -0.55 17.05 -23.05
CA ALA A 82 -1.60 16.00 -23.18
C ALA A 82 -3.01 16.61 -23.23
N ALA A 83 -3.29 17.62 -22.41
CA ALA A 83 -4.61 18.29 -22.33
C ALA A 83 -4.85 19.12 -23.60
N ALA A 84 -3.78 19.66 -24.20
CA ALA A 84 -3.84 20.39 -25.49
C ALA A 84 -4.25 19.41 -26.59
N LYS A 85 -3.46 18.33 -26.77
CA LYS A 85 -3.70 17.21 -27.72
C LYS A 85 -5.19 16.84 -27.77
N GLN A 86 -5.86 16.78 -26.61
CA GLN A 86 -7.28 16.36 -26.52
C GLN A 86 -8.19 17.58 -26.37
N GLY A 87 -7.64 18.79 -26.59
CA GLY A 87 -8.37 20.07 -26.58
C GLY A 87 -9.30 20.23 -25.39
N VAL A 88 -8.83 19.88 -24.17
CA VAL A 88 -9.53 20.32 -22.93
C VAL A 88 -8.49 21.06 -22.08
N SER A 89 -8.97 21.82 -21.10
CA SER A 89 -8.12 22.52 -20.11
C SER A 89 -7.35 21.47 -19.33
N PRO A 90 -6.12 21.75 -18.88
CA PRO A 90 -5.41 20.82 -17.98
C PRO A 90 -6.30 20.41 -16.81
N MET A 91 -7.01 21.33 -16.15
CA MET A 91 -7.89 20.97 -15.01
C MET A 91 -8.94 19.92 -15.42
N ASP A 92 -9.46 20.02 -16.65
CA ASP A 92 -10.55 19.15 -17.15
C ASP A 92 -9.97 17.75 -17.38
N PHE A 93 -8.83 17.69 -18.06
CA PHE A 93 -8.04 16.47 -18.32
C PHE A 93 -7.73 15.71 -17.01
N THR A 94 -7.22 16.42 -16.00
CA THR A 94 -6.75 15.80 -14.71
C THR A 94 -7.98 15.42 -13.86
N THR A 95 -9.04 16.19 -13.88
CA THR A 95 -10.30 15.79 -13.18
C THR A 95 -10.78 14.44 -13.74
N SER A 96 -10.77 14.28 -15.05
CA SER A 96 -11.26 13.07 -15.75
C SER A 96 -10.33 11.89 -15.40
N VAL A 97 -9.03 12.09 -15.41
CA VAL A 97 -8.12 10.93 -15.20
C VAL A 97 -8.13 10.59 -13.72
N SER A 98 -8.17 11.62 -12.88
CA SER A 98 -8.28 11.51 -11.41
C SER A 98 -9.50 10.63 -11.09
N SER A 99 -10.63 10.92 -11.74
CA SER A 99 -11.91 10.16 -11.54
C SER A 99 -11.74 8.68 -11.89
N GLU A 100 -10.94 8.36 -12.92
CA GLU A 100 -10.64 6.97 -13.28
C GLU A 100 -9.90 6.29 -12.11
N PHE A 101 -8.95 7.00 -11.45
CA PHE A 101 -8.23 6.39 -10.30
C PHE A 101 -9.23 6.10 -9.16
N LYS A 102 -10.11 7.05 -8.86
CA LYS A 102 -11.11 6.91 -7.79
C LYS A 102 -12.05 5.74 -8.09
N GLN A 103 -12.40 5.57 -9.36
CA GLN A 103 -13.35 4.52 -9.82
C GLN A 103 -12.65 3.16 -9.67
N CYS A 104 -11.40 3.06 -10.14
CA CYS A 104 -10.55 1.84 -10.02
C CYS A 104 -10.48 1.43 -8.56
N PHE A 105 -10.25 2.37 -7.66
CA PHE A 105 -10.02 2.04 -6.23
C PHE A 105 -11.36 1.68 -5.54
N GLN A 106 -12.48 2.21 -6.03
CA GLN A 106 -13.82 1.70 -5.59
C GLN A 106 -13.98 0.24 -6.09
N GLU A 107 -13.70 -0.04 -7.35
CA GLU A 107 -13.88 -1.38 -7.92
C GLU A 107 -13.00 -2.37 -7.18
N MET A 108 -11.80 -1.99 -6.70
CA MET A 108 -10.88 -2.89 -5.99
C MET A 108 -11.23 -3.02 -4.49
N ASN A 109 -12.26 -2.33 -4.01
CA ASN A 109 -12.74 -2.39 -2.61
C ASN A 109 -11.61 -1.97 -1.66
N TYR A 110 -10.94 -0.86 -1.98
CA TYR A 110 -9.95 -0.18 -1.09
C TYR A 110 -10.71 0.74 -0.16
N ASP A 111 -10.15 0.91 1.03
CA ASP A 111 -10.63 1.78 2.10
C ASP A 111 -9.62 2.89 2.38
N MET A 112 -9.35 3.75 1.40
CA MET A 112 -8.47 4.91 1.59
C MET A 112 -9.24 5.96 2.36
N ASN A 113 -8.65 6.57 3.38
CA ASN A 113 -9.32 7.64 4.13
C ASN A 113 -9.38 8.90 3.27
N TYR A 114 -8.42 9.11 2.38
CA TYR A 114 -8.25 10.43 1.73
C TYR A 114 -7.59 10.22 0.39
N PHE A 115 -8.08 10.96 -0.61
CA PHE A 115 -7.58 10.96 -2.01
C PHE A 115 -7.23 12.41 -2.33
N ILE A 116 -5.93 12.66 -2.51
CA ILE A 116 -5.40 14.04 -2.68
C ILE A 116 -5.22 14.26 -4.17
N ARG A 117 -5.30 15.52 -4.57
CA ARG A 117 -4.92 15.98 -5.93
C ARG A 117 -4.01 17.19 -5.72
N THR A 118 -2.92 17.25 -6.47
CA THR A 118 -1.93 18.36 -6.31
C THR A 118 -2.54 19.66 -6.86
N THR A 119 -3.56 19.58 -7.71
CA THR A 119 -4.34 20.80 -8.09
C THR A 119 -5.16 21.32 -6.90
N ASN A 120 -5.40 20.57 -5.82
CA ASN A 120 -6.17 21.12 -4.68
C ASN A 120 -5.56 22.44 -4.21
N PRO A 121 -6.34 23.56 -4.08
CA PRO A 121 -5.81 24.81 -3.55
C PRO A 121 -5.10 24.68 -2.20
N THR A 122 -5.61 23.89 -1.25
CA THR A 122 -4.97 23.70 0.08
C THR A 122 -3.55 23.15 -0.13
N HIS A 123 -3.36 22.24 -1.09
CA HIS A 123 -2.03 21.61 -1.36
C HIS A 123 -1.15 22.68 -1.98
N GLU A 124 -1.70 23.43 -2.92
CA GLU A 124 -0.84 24.38 -3.69
C GLU A 124 -0.39 25.47 -2.73
N LYS A 125 -1.26 25.92 -1.83
CA LYS A 125 -0.84 26.91 -0.81
C LYS A 125 0.24 26.27 0.08
N LEU A 126 0.08 25.02 0.46
CA LEU A 126 1.00 24.44 1.47
C LEU A 126 2.41 24.38 0.86
N VAL A 127 2.53 24.05 -0.40
CA VAL A 127 3.83 23.89 -1.11
C VAL A 127 4.51 25.27 -1.16
N GLN A 128 3.78 26.33 -1.43
CA GLN A 128 4.31 27.73 -1.33
C GLN A 128 4.75 28.05 0.12
N ASP A 129 4.00 27.68 1.15
CA ASP A 129 4.39 27.95 2.54
C ASP A 129 5.70 27.20 2.83
N ILE A 130 5.82 25.99 2.32
CA ILE A 130 7.01 25.13 2.56
C ILE A 130 8.18 25.78 1.81
N TRP A 131 7.97 26.24 0.58
CA TRP A 131 8.97 26.99 -0.20
C TRP A 131 9.52 28.15 0.66
N LYS A 132 8.64 28.93 1.25
CA LYS A 132 9.08 30.10 2.06
C LYS A 132 9.88 29.64 3.27
N LYS A 133 9.52 28.51 3.89
CA LYS A 133 10.24 27.97 5.06
C LYS A 133 11.65 27.57 4.61
N LEU A 134 11.78 26.89 3.49
CA LEU A 134 13.12 26.44 3.03
C LEU A 134 13.97 27.68 2.72
N ALA A 135 13.40 28.68 2.06
CA ALA A 135 14.10 29.96 1.76
C ALA A 135 14.49 30.67 3.07
N ALA A 136 13.59 30.78 4.03
CA ALA A 136 13.90 31.47 5.29
C ALA A 136 15.03 30.74 6.04
N LYS A 137 15.21 29.44 5.80
CA LYS A 137 16.29 28.67 6.47
C LYS A 137 17.63 28.93 5.75
N GLY A 138 17.58 29.48 4.56
CA GLY A 138 18.81 29.73 3.79
C GLY A 138 19.14 28.56 2.93
N ASP A 139 18.17 27.66 2.70
CA ASP A 139 18.50 26.42 1.98
C ASP A 139 18.21 26.56 0.47
N ILE A 140 17.73 27.73 0.00
CA ILE A 140 17.44 27.93 -1.45
C ILE A 140 18.34 29.01 -2.02
N TYR A 141 18.85 28.79 -3.22
CA TYR A 141 19.64 29.83 -3.91
C TYR A 141 19.29 29.82 -5.39
N LEU A 142 19.71 30.86 -6.11
CA LEU A 142 19.46 30.97 -7.56
C LEU A 142 20.69 30.45 -8.26
N GLY A 143 20.54 29.40 -9.05
CA GLY A 143 21.63 28.86 -9.86
C GLY A 143 21.15 28.55 -11.27
N LYS A 144 21.79 27.57 -11.86
CA LYS A 144 21.73 27.38 -13.31
C LYS A 144 21.94 25.89 -13.59
N TYR A 145 20.97 25.28 -14.27
CA TYR A 145 21.15 23.92 -14.83
C TYR A 145 21.67 24.01 -16.27
N GLU A 146 22.79 23.31 -16.54
CA GLU A 146 23.34 23.06 -17.90
C GLU A 146 23.34 21.54 -18.18
N GLY A 147 22.40 21.02 -18.97
CA GLY A 147 22.39 19.60 -19.40
C GLY A 147 21.07 19.11 -19.95
N TRP A 148 20.83 17.78 -19.89
CA TRP A 148 19.63 17.18 -20.53
C TRP A 148 18.42 17.20 -19.59
N TYR A 149 17.25 17.30 -20.15
CA TYR A 149 15.93 17.22 -19.48
C TYR A 149 15.00 16.38 -20.36
N SER A 150 14.08 15.66 -19.75
CA SER A 150 13.07 14.87 -20.47
C SER A 150 11.70 15.18 -19.86
N VAL A 151 10.92 15.97 -20.60
CA VAL A 151 9.53 16.33 -20.22
C VAL A 151 8.76 15.07 -19.80
N SER A 152 8.96 13.98 -20.52
CA SER A 152 8.08 12.80 -20.44
C SER A 152 8.44 12.04 -19.16
N ASP A 153 9.70 12.18 -18.68
CA ASP A 153 10.18 11.54 -17.43
C ASP A 153 10.12 12.53 -16.26
N GLU A 154 9.88 13.81 -16.58
CA GLU A 154 9.94 15.01 -15.69
C GLU A 154 11.23 14.89 -14.88
N SER A 155 12.35 14.82 -15.59
CA SER A 155 13.61 14.37 -14.99
C SER A 155 14.79 15.04 -15.68
N PHE A 156 15.84 15.29 -14.88
CA PHE A 156 17.17 15.81 -15.28
C PHE A 156 18.04 14.60 -15.55
N LEU A 157 18.84 14.63 -16.61
CA LEU A 157 19.66 13.45 -16.97
C LEU A 157 21.11 13.86 -17.20
N THR A 158 22.01 12.99 -16.77
CA THR A 158 23.45 13.10 -17.04
C THR A 158 23.75 12.51 -18.42
N ALA A 159 25.00 12.66 -18.89
CA ALA A 159 25.45 12.26 -20.25
C ALA A 159 25.45 10.73 -20.37
N GLN A 160 25.80 10.02 -19.30
CA GLN A 160 25.89 8.54 -19.36
C GLN A 160 24.48 7.90 -19.38
N ASN A 161 23.41 8.67 -19.16
CA ASN A 161 22.00 8.17 -19.18
C ASN A 161 21.25 8.61 -20.44
N VAL A 162 22.00 9.06 -21.44
CA VAL A 162 21.46 9.58 -22.72
C VAL A 162 22.13 8.83 -23.85
N ALA A 163 21.40 8.58 -24.94
CA ALA A 163 22.01 7.95 -26.12
C ALA A 163 21.38 8.48 -27.41
N ASP A 164 21.98 8.11 -28.54
CA ASP A 164 21.40 8.38 -29.89
C ASP A 164 20.07 7.63 -30.02
N GLY A 165 19.14 8.28 -30.67
CA GLY A 165 17.84 7.71 -31.07
C GLY A 165 17.29 8.52 -32.22
N VAL A 166 15.98 8.57 -32.32
CA VAL A 166 15.34 9.32 -33.43
C VAL A 166 14.03 9.88 -32.88
N ASP A 167 13.70 11.11 -33.28
CA ASP A 167 12.54 11.89 -32.76
C ASP A 167 11.34 11.55 -33.64
N ARG A 168 10.17 12.15 -33.39
CA ARG A 168 8.90 11.88 -34.11
C ARG A 168 9.07 12.02 -35.64
N ASP A 169 10.07 12.77 -36.11
CA ASP A 169 10.29 13.09 -37.55
C ASP A 169 11.43 12.24 -38.14
N GLY A 170 12.01 11.36 -37.33
CA GLY A 170 13.04 10.42 -37.79
C GLY A 170 14.39 11.10 -37.91
N LYS A 171 14.50 12.31 -37.37
CA LYS A 171 15.80 13.02 -37.28
C LYS A 171 16.61 12.38 -36.17
N PRO A 172 17.92 12.09 -36.41
CA PRO A 172 18.84 11.72 -35.34
C PRO A 172 18.70 12.77 -34.23
N CYS A 173 18.70 12.32 -32.97
CA CYS A 173 18.56 13.19 -31.78
C CYS A 173 19.18 12.47 -30.57
N LYS A 174 18.95 13.01 -29.37
CA LYS A 174 19.32 12.32 -28.12
C LYS A 174 18.07 11.81 -27.46
N VAL A 175 18.20 10.72 -26.70
CA VAL A 175 17.05 10.02 -26.06
C VAL A 175 17.52 9.57 -24.69
N SER A 176 16.56 9.40 -23.80
CA SER A 176 16.78 8.80 -22.46
C SER A 176 17.05 7.28 -22.59
N LEU A 177 18.15 6.82 -22.00
CA LEU A 177 18.48 5.37 -21.88
C LEU A 177 17.45 4.68 -21.00
N GLU A 178 16.80 5.41 -20.12
CA GLU A 178 15.86 4.80 -19.15
C GLU A 178 14.50 4.64 -19.81
N SER A 179 14.03 5.62 -20.57
CA SER A 179 12.59 5.68 -20.99
C SER A 179 12.41 5.59 -22.50
N GLY A 180 13.47 5.87 -23.25
CA GLY A 180 13.37 6.04 -24.71
C GLY A 180 12.87 7.41 -25.12
N HIS A 181 12.52 8.31 -24.21
CA HIS A 181 11.90 9.59 -24.62
C HIS A 181 12.95 10.59 -25.11
N VAL A 182 12.48 11.51 -25.95
CA VAL A 182 13.29 12.62 -26.51
C VAL A 182 13.82 13.50 -25.35
N VAL A 183 15.07 13.88 -25.48
CA VAL A 183 15.80 14.63 -24.43
C VAL A 183 16.05 16.06 -24.95
N THR A 184 15.24 17.01 -24.47
CA THR A 184 15.41 18.48 -24.74
C THR A 184 16.62 18.98 -23.95
N TRP A 185 17.61 19.61 -24.60
CA TRP A 185 18.78 20.19 -23.88
C TRP A 185 18.39 21.55 -23.26
N VAL A 186 18.88 21.82 -22.04
CA VAL A 186 18.53 23.00 -21.20
C VAL A 186 19.82 23.69 -20.71
N GLU A 187 19.84 25.02 -20.77
CA GLU A 187 20.89 25.88 -20.18
C GLU A 187 20.16 27.04 -19.52
N GLU A 188 19.79 26.92 -18.25
CA GLU A 188 18.62 27.67 -17.71
C GLU A 188 18.74 27.98 -16.22
N GLU A 189 18.39 29.20 -15.84
CA GLU A 189 18.36 29.59 -14.41
C GLU A 189 17.23 28.83 -13.71
N ASN A 190 17.51 28.39 -12.51
CA ASN A 190 16.49 27.78 -11.65
C ASN A 190 16.91 27.98 -10.19
N TYR A 191 15.92 28.00 -9.34
CA TYR A 191 16.12 27.96 -7.90
C TYR A 191 16.63 26.56 -7.56
N MET A 192 17.50 26.53 -6.55
CA MET A 192 18.23 25.30 -6.19
C MET A 192 18.07 25.07 -4.67
N PHE A 193 18.17 23.81 -4.26
CA PHE A 193 18.13 23.38 -2.84
C PHE A 193 19.48 22.79 -2.53
N ARG A 194 20.08 23.29 -1.46
CA ARG A 194 21.41 22.91 -0.92
C ARG A 194 21.36 21.50 -0.34
N LEU A 195 20.99 20.49 -1.13
CA LEU A 195 21.04 19.07 -0.67
C LEU A 195 22.46 18.66 -0.18
N SER A 196 23.53 19.12 -0.82
CA SER A 196 24.94 18.78 -0.42
C SER A 196 25.20 19.09 1.07
N ALA A 197 24.49 20.05 1.66
CA ALA A 197 24.70 20.49 3.05
C ALA A 197 24.09 19.49 4.05
N PHE A 198 23.26 18.52 3.63
CA PHE A 198 22.51 17.64 4.55
C PHE A 198 23.17 16.28 4.70
N ARG A 199 24.30 16.02 4.03
CA ARG A 199 25.02 14.70 4.08
C ARG A 199 25.05 14.14 5.50
N GLU A 200 25.56 14.89 6.47
CA GLU A 200 25.80 14.33 7.83
C GLU A 200 24.46 14.11 8.51
N ARG A 201 23.55 15.08 8.40
CA ARG A 201 22.22 14.96 9.06
C ARG A 201 21.53 13.69 8.53
N LEU A 202 21.71 13.37 7.24
CA LEU A 202 21.08 12.19 6.60
C LEU A 202 21.72 10.91 7.16
N LEU A 203 23.06 10.85 7.23
CA LEU A 203 23.77 9.64 7.75
C LEU A 203 23.40 9.39 9.20
N LYS A 204 23.22 10.43 9.99
CA LYS A 204 22.79 10.26 11.37
C LYS A 204 21.31 9.86 11.44
N TYR A 205 20.44 10.26 10.50
CA TYR A 205 19.03 9.77 10.55
C TYR A 205 19.05 8.27 10.32
N PHE A 206 19.85 7.84 9.34
CA PHE A 206 19.88 6.43 8.89
C PHE A 206 20.45 5.58 10.04
N HIS A 207 21.47 6.12 10.72
CA HIS A 207 22.23 5.39 11.76
C HIS A 207 21.35 5.26 13.00
N ASP A 208 20.66 6.32 13.38
CA ASP A 208 19.81 6.26 14.58
C ASP A 208 18.51 5.54 14.26
N HIS A 209 18.20 5.16 13.01
CA HIS A 209 16.91 4.49 12.69
C HIS A 209 17.14 3.27 11.81
N PRO A 210 17.54 2.11 12.40
CA PRO A 210 17.99 0.98 11.59
C PRO A 210 16.88 0.33 10.73
N ASN A 211 15.60 0.62 11.03
CA ASN A 211 14.43 0.12 10.25
C ASN A 211 13.74 1.29 9.49
N CYS A 212 14.45 2.36 9.08
CA CYS A 212 13.83 3.53 8.41
C CYS A 212 13.58 3.18 6.95
N ILE A 213 14.21 2.13 6.46
CA ILE A 213 14.10 1.68 5.06
C ILE A 213 13.96 0.16 5.07
N VAL A 214 12.97 -0.36 4.35
CA VAL A 214 12.86 -1.82 4.15
C VAL A 214 12.61 -2.05 2.67
N PRO A 215 13.20 -3.09 2.05
CA PRO A 215 14.06 -4.08 2.72
C PRO A 215 15.38 -3.52 3.27
N GLU A 216 15.95 -4.18 4.28
CA GLU A 216 17.16 -3.74 5.03
C GLU A 216 18.35 -3.51 4.07
N PHE A 217 18.41 -4.21 2.95
CA PHE A 217 19.57 -4.07 2.03
C PHE A 217 19.44 -2.77 1.22
N ARG A 218 18.21 -2.35 0.88
CA ARG A 218 18.01 -1.09 0.13
C ARG A 218 18.49 0.06 1.02
N ARG A 219 18.48 -0.12 2.35
CA ARG A 219 18.97 0.85 3.36
C ARG A 219 20.50 0.99 3.28
N ARG A 220 21.19 -0.13 3.10
CA ARG A 220 22.67 -0.17 3.03
C ARG A 220 23.12 0.57 1.77
N GLU A 221 22.42 0.32 0.67
CA GLU A 221 22.63 0.93 -0.67
C GLU A 221 22.40 2.45 -0.62
N VAL A 222 21.43 2.90 0.17
CA VAL A 222 21.08 4.34 0.26
C VAL A 222 22.17 5.02 1.08
N ILE A 223 22.59 4.41 2.20
CA ILE A 223 23.67 4.95 3.08
C ILE A 223 24.92 5.20 2.22
N LYS A 224 25.23 4.30 1.29
CA LYS A 224 26.44 4.37 0.44
C LYS A 224 26.29 5.50 -0.58
N THR A 225 25.07 5.73 -1.10
CA THR A 225 24.79 6.86 -2.02
C THR A 225 25.07 8.16 -1.31
N VAL A 226 24.58 8.30 -0.10
CA VAL A 226 24.80 9.55 0.65
C VAL A 226 26.30 9.67 0.97
N GLU A 227 27.02 8.57 1.22
CA GLU A 227 28.46 8.62 1.63
C GLU A 227 29.32 9.09 0.45
N LYS A 228 28.95 8.74 -0.78
CA LYS A 228 29.54 9.26 -2.03
C LYS A 228 29.25 10.76 -2.21
N GLY A 229 28.55 11.44 -1.30
CA GLY A 229 28.19 12.87 -1.43
C GLY A 229 27.05 13.16 -2.41
N LEU A 230 26.31 14.23 -2.17
CA LEU A 230 25.10 14.60 -2.94
C LEU A 230 25.37 15.91 -3.68
N PHE A 231 24.78 16.07 -4.86
CA PHE A 231 24.73 17.35 -5.61
C PHE A 231 23.43 18.09 -5.22
N ASP A 232 23.43 19.38 -5.50
CA ASP A 232 22.30 20.25 -5.13
C ASP A 232 21.20 20.00 -6.18
N LEU A 233 19.95 20.20 -5.81
CA LEU A 233 18.81 19.88 -6.70
C LEU A 233 18.21 21.16 -7.31
N SER A 234 17.81 21.11 -8.57
CA SER A 234 16.92 22.14 -9.14
C SER A 234 15.54 21.96 -8.53
N ILE A 235 14.89 23.04 -8.09
CA ILE A 235 13.52 22.94 -7.52
C ILE A 235 12.58 23.91 -8.24
N SER A 236 12.98 24.46 -9.36
CA SER A 236 12.08 25.29 -10.21
C SER A 236 12.26 24.94 -11.70
N ARG A 237 11.25 25.30 -12.48
CA ARG A 237 11.37 25.50 -13.95
C ARG A 237 10.71 26.82 -14.39
N LYS A 238 11.07 27.35 -15.56
CA LYS A 238 10.41 28.58 -16.11
C LYS A 238 8.90 28.36 -16.35
N ARG A 239 8.04 29.35 -16.03
CA ARG A 239 6.55 29.27 -16.14
C ARG A 239 6.16 28.92 -17.57
N GLU A 240 6.94 29.38 -18.56
CA GLU A 240 6.63 29.15 -19.99
C GLU A 240 6.77 27.65 -20.29
N SER A 241 7.85 27.03 -19.81
CA SER A 241 8.18 25.59 -19.99
C SER A 241 6.98 24.72 -19.59
N VAL A 242 6.32 25.01 -18.47
CA VAL A 242 5.23 24.13 -17.94
C VAL A 242 3.87 24.78 -18.24
N MET A 243 3.84 25.83 -19.09
CA MET A 243 2.60 26.43 -19.67
C MET A 243 1.71 26.87 -18.51
N ASN A 244 2.36 27.39 -17.47
CA ASN A 244 1.68 27.92 -16.25
C ASN A 244 0.89 26.82 -15.56
N TRP A 245 1.02 25.54 -15.97
CA TRP A 245 0.40 24.37 -15.28
C TRP A 245 1.34 23.79 -14.20
N SER A 246 1.54 24.55 -13.13
CA SER A 246 2.45 24.24 -12.01
C SER A 246 2.24 25.35 -10.99
N ILE A 247 2.66 25.13 -9.74
CA ILE A 247 2.53 26.14 -8.68
C ILE A 247 3.58 27.22 -8.95
N PRO A 248 3.20 28.52 -8.95
CA PRO A 248 4.19 29.59 -8.99
C PRO A 248 5.16 29.55 -7.79
N VAL A 249 6.43 29.85 -8.09
CA VAL A 249 7.40 30.18 -7.02
C VAL A 249 6.91 31.44 -6.33
N PRO A 250 6.68 31.45 -5.01
CA PRO A 250 6.26 32.67 -4.32
C PRO A 250 7.31 33.78 -4.49
N GLY A 251 6.86 34.95 -4.96
CA GLY A 251 7.69 36.16 -5.16
C GLY A 251 8.45 36.22 -6.47
N ASP A 252 8.38 35.19 -7.30
CA ASP A 252 9.12 35.20 -8.58
C ASP A 252 8.25 34.44 -9.58
N GLU A 253 7.25 35.13 -10.14
CA GLU A 253 6.23 34.53 -11.02
C GLU A 253 6.89 34.07 -12.31
N ARG A 254 8.16 34.40 -12.57
CA ARG A 254 8.80 33.88 -13.79
C ARG A 254 8.92 32.34 -13.69
N HIS A 255 8.89 31.81 -12.48
CA HIS A 255 9.30 30.38 -12.23
C HIS A 255 8.17 29.63 -11.58
N CYS A 256 8.15 28.32 -11.80
CA CYS A 256 7.18 27.39 -11.19
C CYS A 256 7.96 26.35 -10.37
N ILE A 257 7.34 25.90 -9.29
CA ILE A 257 7.91 24.87 -8.38
C ILE A 257 7.97 23.56 -9.16
N TYR A 258 9.16 22.97 -9.21
CA TYR A 258 9.40 21.67 -9.85
C TYR A 258 8.41 20.61 -9.32
N VAL A 259 7.92 19.78 -10.22
CA VAL A 259 6.83 18.79 -9.96
C VAL A 259 7.20 17.84 -8.80
N TRP A 260 8.47 17.44 -8.63
CA TRP A 260 8.76 16.49 -7.52
C TRP A 260 8.62 17.14 -6.15
N LEU A 261 9.00 18.42 -6.00
CA LEU A 261 8.94 19.07 -4.67
C LEU A 261 7.45 19.23 -4.34
N ASP A 262 6.67 19.67 -5.32
CA ASP A 262 5.18 19.81 -5.19
C ASP A 262 4.62 18.44 -4.78
N ALA A 263 4.95 17.41 -5.53
CA ALA A 263 4.41 16.05 -5.30
C ALA A 263 4.82 15.51 -3.92
N LEU A 264 6.11 15.56 -3.57
CA LEU A 264 6.52 14.98 -2.25
C LEU A 264 5.72 15.53 -1.10
N PHE A 265 5.43 16.84 -1.09
CA PHE A 265 4.77 17.46 0.06
C PHE A 265 3.26 17.13 0.14
N ASN A 266 2.71 16.36 -0.82
CA ASN A 266 1.31 15.81 -0.73
C ASN A 266 1.12 15.12 0.62
N TYR A 267 2.15 14.41 1.12
CA TYR A 267 1.99 13.59 2.33
C TYR A 267 1.76 14.51 3.53
N TYR A 268 2.45 15.65 3.53
CA TYR A 268 2.30 16.64 4.60
C TYR A 268 0.91 17.31 4.49
N THR A 269 0.51 17.69 3.29
CA THR A 269 -0.84 18.31 3.07
C THR A 269 -1.89 17.38 3.69
N GLY A 270 -1.80 16.09 3.33
CA GLY A 270 -2.69 15.07 3.87
C GLY A 270 -2.70 15.05 5.39
N ALA A 271 -1.53 15.05 6.01
CA ALA A 271 -1.43 15.09 7.50
C ALA A 271 -2.11 16.31 8.13
N LEU A 272 -2.23 17.40 7.39
CA LEU A 272 -2.84 18.66 7.91
C LEU A 272 -4.33 18.79 7.51
N THR A 273 -4.82 17.91 6.66
CA THR A 273 -6.13 18.11 5.98
C THR A 273 -7.28 17.78 6.95
N ARG A 274 -8.14 18.75 7.20
CA ARG A 274 -9.34 18.54 8.04
C ARG A 274 -10.55 18.50 7.09
N VAL A 275 -11.29 17.41 7.07
CA VAL A 275 -12.42 17.26 6.12
C VAL A 275 -13.70 17.40 6.95
N ALA A 276 -14.48 18.44 6.69
CA ALA A 276 -15.78 18.62 7.38
C ALA A 276 -16.78 17.54 6.90
N THR A 277 -17.85 17.33 7.67
CA THR A 277 -18.88 16.31 7.34
C THR A 277 -19.60 16.65 6.01
N ASP A 278 -19.53 17.87 5.49
CA ASP A 278 -19.92 18.19 4.09
C ASP A 278 -18.78 18.02 3.06
N GLY A 279 -17.63 17.44 3.44
CA GLY A 279 -16.56 17.14 2.47
C GLY A 279 -15.65 18.31 2.11
N THR A 280 -15.88 19.51 2.64
CA THR A 280 -14.98 20.67 2.42
C THR A 280 -13.68 20.48 3.23
N GLU A 281 -12.58 20.94 2.67
CA GLU A 281 -11.21 20.66 3.17
C GLU A 281 -10.55 21.96 3.58
N THR A 282 -10.08 22.01 4.83
CA THR A 282 -9.17 23.08 5.31
C THR A 282 -7.87 22.44 5.82
N LEU A 283 -6.78 23.21 5.88
CA LEU A 283 -5.51 22.75 6.51
C LEU A 283 -5.41 23.28 7.92
N ASP A 284 -5.08 22.44 8.88
CA ASP A 284 -4.63 22.94 10.20
C ASP A 284 -3.32 23.74 10.01
N GLU A 285 -3.00 24.60 10.98
CA GLU A 285 -1.78 25.47 10.95
C GLU A 285 -0.56 24.57 11.17
N ASP A 286 -0.70 23.56 12.01
CA ASP A 286 0.40 22.61 12.27
C ASP A 286 -0.21 21.22 12.50
N HIS A 287 0.66 20.22 12.64
CA HIS A 287 0.29 18.80 12.46
C HIS A 287 -0.24 18.21 13.75
N HIS A 288 -0.06 18.90 14.88
CA HIS A 288 -0.27 18.33 16.23
C HIS A 288 -1.74 17.93 16.44
N ALA A 289 -2.73 18.74 16.10
CA ALA A 289 -4.13 18.46 16.52
C ALA A 289 -4.64 17.20 15.80
N LEU A 290 -4.34 17.03 14.51
CA LEU A 290 -4.74 15.81 13.74
C LEU A 290 -3.88 14.60 14.12
N ASN A 291 -2.65 14.80 14.57
CA ASN A 291 -1.92 13.74 15.29
C ASN A 291 -1.66 12.59 14.30
N ARG A 292 -1.38 12.89 13.05
CA ARG A 292 -1.02 11.88 12.03
C ARG A 292 0.49 11.91 11.75
N TRP A 293 1.09 13.09 11.65
CA TRP A 293 2.48 13.25 11.14
C TRP A 293 3.45 12.70 12.20
N PRO A 294 4.59 12.05 11.86
CA PRO A 294 4.99 11.72 10.50
C PRO A 294 4.40 10.36 10.11
N ALA A 295 4.53 10.00 8.85
CA ALA A 295 4.09 8.69 8.35
C ALA A 295 4.80 7.52 9.08
N ASP A 296 4.00 6.55 9.52
CA ASP A 296 4.44 5.21 9.96
C ASP A 296 5.07 4.53 8.75
N VAL A 297 4.42 4.62 7.62
CA VAL A 297 4.90 3.96 6.38
C VAL A 297 4.60 4.82 5.18
N HIS A 298 5.64 5.13 4.40
CA HIS A 298 5.55 5.50 2.97
C HIS A 298 5.82 4.28 2.12
N VAL A 299 4.86 3.88 1.29
CA VAL A 299 5.00 2.75 0.34
C VAL A 299 5.36 3.35 -1.00
N VAL A 300 6.43 2.85 -1.64
CA VAL A 300 6.85 3.34 -2.99
C VAL A 300 7.37 2.19 -3.85
N GLY A 301 7.36 2.39 -5.16
CA GLY A 301 8.03 1.57 -6.17
C GLY A 301 9.52 1.81 -6.07
N LYS A 302 10.33 0.80 -6.30
CA LYS A 302 11.80 0.88 -6.13
C LYS A 302 12.41 2.00 -6.99
N ASP A 303 11.78 2.37 -8.09
CA ASP A 303 12.24 3.46 -8.99
C ASP A 303 12.19 4.85 -8.33
N ILE A 304 11.39 5.11 -7.28
CA ILE A 304 11.27 6.44 -6.61
C ILE A 304 11.75 6.32 -5.16
N LEU A 305 12.53 5.27 -4.86
CA LEU A 305 13.02 5.03 -3.48
C LEU A 305 13.99 6.17 -3.07
N LYS A 306 14.98 6.42 -3.91
CA LYS A 306 16.03 7.45 -3.69
C LYS A 306 15.37 8.80 -3.37
N PHE A 307 14.36 9.20 -4.12
CA PHE A 307 13.69 10.50 -3.90
C PHE A 307 13.08 10.51 -2.49
N HIS A 308 12.55 9.40 -2.02
CA HIS A 308 11.85 9.36 -0.72
C HIS A 308 12.82 9.14 0.44
N ALA A 309 13.98 8.54 0.20
CA ALA A 309 14.96 8.13 1.23
C ALA A 309 15.98 9.24 1.48
N ILE A 310 16.31 10.00 0.46
CA ILE A 310 17.34 11.05 0.53
C ILE A 310 16.71 12.44 0.40
N TYR A 311 16.08 12.73 -0.71
CA TYR A 311 15.65 14.12 -0.99
C TYR A 311 14.55 14.57 -0.03
N TRP A 312 13.59 13.69 0.18
CA TRP A 312 12.40 14.00 1.04
C TRP A 312 12.78 14.29 2.49
N PRO A 313 13.56 13.43 3.16
CA PRO A 313 13.99 13.77 4.50
C PRO A 313 14.75 15.10 4.61
N ALA A 314 15.61 15.36 3.64
CA ALA A 314 16.39 16.62 3.57
C ALA A 314 15.44 17.83 3.52
N PHE A 315 14.42 17.79 2.67
CA PHE A 315 13.41 18.89 2.65
C PHE A 315 12.76 18.99 4.02
N LEU A 316 12.43 17.88 4.64
CA LEU A 316 11.72 17.88 5.94
C LEU A 316 12.66 18.45 7.00
N MET A 317 13.98 18.15 6.90
CA MET A 317 14.96 18.67 7.86
C MET A 317 14.97 20.21 7.73
N SER A 318 15.04 20.68 6.49
CA SER A 318 15.06 22.13 6.19
C SER A 318 13.79 22.76 6.75
N ALA A 319 12.65 22.11 6.55
CA ALA A 319 11.34 22.63 7.04
C ALA A 319 11.16 22.40 8.55
N GLU A 320 12.11 21.72 9.20
CA GLU A 320 12.07 21.38 10.66
C GLU A 320 10.80 20.56 10.99
N LEU A 321 10.51 19.53 10.19
CA LEU A 321 9.38 18.65 10.52
C LEU A 321 9.91 17.30 10.95
N PRO A 322 9.20 16.57 11.83
CA PRO A 322 9.53 15.17 12.11
C PRO A 322 9.64 14.35 10.83
N LEU A 323 10.61 13.45 10.82
CA LEU A 323 10.95 12.61 9.67
C LEU A 323 10.10 11.35 9.67
N PRO A 324 9.94 10.72 8.50
CA PRO A 324 9.20 9.47 8.38
C PRO A 324 9.78 8.34 9.23
N GLU A 325 8.91 7.49 9.73
CA GLU A 325 9.31 6.30 10.52
C GLU A 325 9.85 5.26 9.58
N ARG A 326 9.19 4.98 8.46
CA ARG A 326 9.54 3.85 7.61
C ARG A 326 9.16 4.11 6.16
N LEU A 327 10.10 3.80 5.30
CA LEU A 327 10.01 3.75 3.84
C LEU A 327 10.06 2.29 3.38
N VAL A 328 9.02 1.86 2.71
CA VAL A 328 8.85 0.47 2.18
C VAL A 328 8.88 0.51 0.66
N SER A 329 9.87 -0.11 -0.02
CA SER A 329 9.92 -0.22 -1.50
C SER A 329 9.48 -1.60 -1.97
N HIS A 330 8.94 -1.69 -3.17
CA HIS A 330 8.41 -2.94 -3.75
C HIS A 330 8.73 -2.99 -5.24
N GLY A 331 8.68 -4.19 -5.80
CA GLY A 331 8.99 -4.47 -7.21
C GLY A 331 7.82 -4.24 -8.14
N TRP A 332 8.03 -4.66 -9.39
CA TRP A 332 7.10 -4.54 -10.54
C TRP A 332 6.66 -5.94 -10.94
N TRP A 333 5.40 -6.14 -11.26
CA TRP A 333 4.87 -7.44 -11.74
C TRP A 333 5.25 -7.76 -13.21
N THR A 334 5.65 -9.00 -13.50
CA THR A 334 5.63 -9.58 -14.88
C THR A 334 4.39 -10.48 -15.02
N LYS A 335 4.08 -10.88 -16.26
CA LYS A 335 2.96 -11.78 -16.63
C LYS A 335 3.51 -12.88 -17.52
N ASP A 336 3.46 -14.13 -17.04
CA ASP A 336 3.81 -15.34 -17.84
C ASP A 336 5.32 -15.32 -18.09
N HIS A 337 6.13 -15.00 -17.07
CA HIS A 337 7.61 -14.88 -17.07
C HIS A 337 8.07 -13.85 -18.13
N LYS A 338 7.20 -12.98 -18.62
CA LYS A 338 7.59 -12.12 -19.77
C LYS A 338 7.84 -10.71 -19.25
N LYS A 339 6.80 -9.90 -19.14
CA LYS A 339 6.98 -8.44 -19.23
C LYS A 339 5.70 -7.92 -19.80
N ILE A 340 4.93 -7.21 -18.99
CA ILE A 340 3.52 -6.88 -19.31
C ILE A 340 3.55 -5.98 -20.53
N SER A 341 2.66 -6.24 -21.49
CA SER A 341 2.43 -5.45 -22.72
C SER A 341 1.07 -5.86 -23.32
N LYS A 342 0.07 -4.94 -23.35
CA LYS A 342 -1.13 -5.06 -24.22
C LYS A 342 -0.59 -5.27 -25.64
N SER A 343 -0.58 -6.54 -26.08
CA SER A 343 0.27 -7.16 -27.15
C SER A 343 1.32 -8.06 -26.50
N ASN A 346 2.31 -10.40 -21.48
CA ASN A 346 0.86 -10.35 -21.88
C ASN A 346 0.28 -9.01 -21.40
N ALA A 347 -1.03 -8.75 -21.57
CA ALA A 347 -1.80 -7.74 -20.79
C ALA A 347 -2.05 -8.28 -19.37
N PHE A 348 -2.25 -7.42 -18.36
CA PHE A 348 -2.64 -7.86 -16.98
C PHE A 348 -3.58 -6.83 -16.36
N ASP A 349 -4.87 -7.03 -16.53
CA ASP A 349 -5.90 -6.13 -16.01
C ASP A 349 -6.38 -6.75 -14.69
N PRO A 350 -5.99 -6.16 -13.54
CA PRO A 350 -6.35 -6.73 -12.24
C PRO A 350 -7.88 -6.66 -12.03
N VAL A 351 -8.56 -5.65 -12.57
CA VAL A 351 -10.05 -5.62 -12.46
C VAL A 351 -10.65 -6.85 -13.17
N GLU A 352 -10.08 -7.30 -14.29
CA GLU A 352 -10.61 -8.47 -15.04
C GLU A 352 -10.30 -9.74 -14.24
N LYS A 353 -9.06 -9.85 -13.73
CA LYS A 353 -8.60 -11.08 -13.07
C LYS A 353 -9.43 -11.29 -11.80
N ALA A 354 -9.95 -10.20 -11.23
CA ALA A 354 -10.82 -10.19 -10.05
C ALA A 354 -12.22 -10.67 -10.43
N LYS A 355 -12.74 -10.23 -11.57
CA LYS A 355 -14.03 -10.79 -12.06
C LYS A 355 -13.87 -12.29 -12.29
N GLU A 356 -12.75 -12.73 -12.85
CA GLU A 356 -12.53 -14.11 -13.30
C GLU A 356 -12.36 -15.05 -12.09
N PHE A 357 -11.60 -14.66 -11.08
CA PHE A 357 -11.17 -15.58 -10.00
C PHE A 357 -11.77 -15.19 -8.64
N GLY A 358 -12.22 -13.95 -8.49
CA GLY A 358 -12.72 -13.36 -7.22
C GLY A 358 -11.76 -12.26 -6.78
N ILE A 359 -12.27 -11.14 -6.32
CA ILE A 359 -11.46 -9.97 -5.90
C ILE A 359 -10.53 -10.38 -4.74
N ASP A 360 -11.04 -11.10 -3.73
CA ASP A 360 -10.23 -11.45 -2.54
C ASP A 360 -9.17 -12.49 -2.93
N ALA A 361 -9.47 -13.46 -3.81
CA ALA A 361 -8.47 -14.44 -4.24
C ALA A 361 -7.34 -13.71 -4.96
N LEU A 362 -7.66 -12.64 -5.68
CA LEU A 362 -6.59 -11.91 -6.42
C LEU A 362 -5.74 -11.10 -5.44
N LYS A 363 -6.40 -10.45 -4.49
CA LYS A 363 -5.69 -9.67 -3.41
C LYS A 363 -4.73 -10.59 -2.65
N TYR A 364 -5.20 -11.79 -2.28
CA TYR A 364 -4.37 -12.81 -1.60
C TYR A 364 -3.17 -13.14 -2.48
N PHE A 365 -3.41 -13.44 -3.74
CA PHE A 365 -2.32 -13.88 -4.64
C PHE A 365 -1.25 -12.79 -4.65
N LEU A 366 -1.65 -11.55 -4.87
CA LEU A 366 -0.67 -10.43 -5.04
C LEU A 366 0.16 -10.25 -3.75
N MET A 367 -0.43 -10.50 -2.58
CA MET A 367 0.21 -10.31 -1.25
C MET A 367 0.97 -11.58 -0.85
N ARG A 368 0.59 -12.74 -1.37
CA ARG A 368 1.19 -14.04 -0.98
C ARG A 368 2.35 -14.42 -1.91
N GLU A 369 2.24 -14.14 -3.20
CA GLU A 369 3.08 -14.80 -4.24
C GLU A 369 4.51 -14.26 -4.24
N SER A 370 4.67 -12.98 -3.94
CA SER A 370 5.97 -12.30 -3.98
C SER A 370 6.18 -11.51 -2.69
N ASN A 371 7.44 -11.37 -2.33
CA ASN A 371 7.91 -10.44 -1.29
C ASN A 371 8.09 -9.08 -1.97
N PHE A 372 8.37 -8.05 -1.16
CA PHE A 372 8.56 -6.67 -1.64
C PHE A 372 9.91 -6.51 -2.37
N GLN A 373 10.91 -7.32 -2.06
CA GLN A 373 12.23 -7.23 -2.73
C GLN A 373 12.07 -7.63 -4.21
N ASP A 374 11.19 -8.59 -4.50
CA ASP A 374 11.18 -9.30 -5.81
C ASP A 374 10.16 -8.66 -6.75
N ASP A 375 10.38 -8.86 -8.04
CA ASP A 375 9.40 -8.54 -9.10
C ASP A 375 8.51 -9.78 -9.23
N GLY A 376 7.26 -9.68 -8.80
CA GLY A 376 6.37 -10.84 -8.81
C GLY A 376 6.04 -11.22 -10.25
N ASP A 377 5.67 -12.49 -10.48
CA ASP A 377 5.18 -12.98 -11.80
C ASP A 377 3.75 -13.53 -11.64
N TYR A 378 2.77 -12.89 -12.27
CA TYR A 378 1.40 -13.43 -12.32
C TYR A 378 1.33 -14.47 -13.46
N SER A 379 0.66 -15.58 -13.22
CA SER A 379 0.19 -16.54 -14.27
C SER A 379 -1.08 -17.19 -13.77
N ASP A 380 -2.03 -17.46 -14.65
CA ASP A 380 -3.30 -18.14 -14.28
C ASP A 380 -2.94 -19.45 -13.57
N LYS A 381 -1.88 -20.11 -14.00
CA LYS A 381 -1.47 -21.40 -13.41
C LYS A 381 -1.12 -21.24 -11.91
N ASN A 382 -0.28 -20.28 -11.56
CA ASN A 382 0.11 -20.02 -10.14
C ASN A 382 -1.09 -19.46 -9.37
N MET A 383 -1.95 -18.70 -10.05
CA MET A 383 -3.16 -18.12 -9.42
C MET A 383 -4.08 -19.26 -8.95
N VAL A 384 -4.27 -20.25 -9.79
CA VAL A 384 -5.17 -21.38 -9.49
C VAL A 384 -4.52 -22.23 -8.41
N ALA A 385 -3.20 -22.41 -8.46
CA ALA A 385 -2.51 -23.27 -7.49
C ALA A 385 -2.75 -22.71 -6.07
N ARG A 386 -2.80 -21.39 -5.92
CA ARG A 386 -2.93 -20.77 -4.57
C ARG A 386 -4.43 -20.76 -4.23
N LEU A 387 -5.28 -20.45 -5.21
CA LEU A 387 -6.74 -20.41 -4.93
C LEU A 387 -7.21 -21.82 -4.53
N ASN A 388 -6.79 -22.84 -5.28
CA ASN A 388 -7.16 -24.25 -5.02
C ASN A 388 -6.46 -24.76 -3.76
N GLY A 389 -5.14 -24.60 -3.67
CA GLY A 389 -4.30 -25.30 -2.68
C GLY A 389 -4.34 -24.65 -1.32
N GLU A 390 -4.56 -23.33 -1.25
CA GLU A 390 -4.57 -22.61 0.05
C GLU A 390 -5.98 -22.17 0.35
N LEU A 391 -6.60 -21.42 -0.56
CA LEU A 391 -7.85 -20.73 -0.18
C LEU A 391 -8.99 -21.74 -0.07
N ALA A 392 -9.09 -22.66 -1.03
CA ALA A 392 -10.16 -23.68 -1.04
C ALA A 392 -9.78 -24.83 -0.11
N ASP A 393 -8.63 -25.44 -0.36
CA ASP A 393 -8.24 -26.72 0.29
C ASP A 393 -8.04 -26.49 1.79
N THR A 394 -7.40 -25.38 2.18
CA THR A 394 -7.10 -25.12 3.60
C THR A 394 -8.27 -24.36 4.22
N LEU A 395 -8.55 -23.15 3.75
CA LEU A 395 -9.43 -22.24 4.49
C LEU A 395 -10.90 -22.56 4.20
N GLY A 396 -11.29 -22.61 2.93
CA GLY A 396 -12.72 -22.80 2.58
C GLY A 396 -13.22 -24.13 3.13
N ASN A 397 -12.43 -25.17 3.00
CA ASN A 397 -12.79 -26.53 3.47
C ASN A 397 -12.89 -26.52 5.01
N LEU A 398 -11.99 -25.83 5.69
CA LEU A 398 -12.08 -25.77 7.17
C LEU A 398 -13.39 -25.09 7.56
N VAL A 399 -13.79 -24.02 6.88
CA VAL A 399 -15.08 -23.35 7.23
C VAL A 399 -16.23 -24.36 7.06
N SER A 400 -16.21 -25.17 5.99
CA SER A 400 -17.33 -26.09 5.63
C SER A 400 -17.51 -27.09 6.75
N ARG A 401 -16.40 -27.67 7.17
CA ARG A 401 -16.28 -28.66 8.27
C ARG A 401 -16.85 -28.13 9.58
N CYS A 402 -16.68 -26.84 9.87
CA CYS A 402 -17.11 -26.19 11.14
C CYS A 402 -18.61 -25.90 11.14
N VAL A 403 -19.20 -25.58 9.99
CA VAL A 403 -20.62 -25.15 9.94
C VAL A 403 -21.52 -26.25 9.32
N ALA A 404 -20.98 -27.45 9.05
CA ALA A 404 -21.72 -28.59 8.42
C ALA A 404 -22.83 -29.05 9.37
N PRO A 405 -24.12 -29.10 8.92
CA PRO A 405 -25.23 -29.53 9.81
C PRO A 405 -25.03 -30.94 10.41
N LYS A 406 -24.40 -31.86 9.67
CA LYS A 406 -24.16 -33.26 10.12
C LYS A 406 -23.10 -33.30 11.22
N ILE A 407 -22.35 -32.21 11.43
CA ILE A 407 -21.25 -32.14 12.43
C ILE A 407 -21.66 -31.18 13.55
N ASN A 408 -22.23 -30.03 13.20
CA ASN A 408 -22.69 -28.99 14.16
C ASN A 408 -24.22 -29.03 14.09
N VAL A 409 -24.81 -29.96 14.82
CA VAL A 409 -26.25 -30.35 14.69
C VAL A 409 -27.14 -29.23 15.22
N ASN A 410 -26.70 -28.55 16.28
CA ASN A 410 -27.49 -27.49 16.97
C ASN A 410 -27.26 -26.11 16.33
N GLY A 411 -26.33 -25.99 15.38
CA GLY A 411 -25.97 -24.70 14.75
C GLY A 411 -25.52 -23.68 15.80
N MET A 412 -24.73 -24.12 16.77
CA MET A 412 -24.18 -23.17 17.78
C MET A 412 -22.74 -23.56 18.15
N TRP A 413 -22.05 -22.58 18.71
CA TRP A 413 -20.75 -22.78 19.40
C TRP A 413 -20.99 -23.70 20.60
N PRO A 414 -20.41 -24.91 20.64
CA PRO A 414 -20.65 -25.81 21.75
C PRO A 414 -19.83 -25.40 22.98
N GLU A 415 -20.19 -26.02 24.10
CA GLU A 415 -19.47 -25.99 25.37
C GLU A 415 -18.27 -26.93 25.26
N PRO A 416 -17.04 -26.43 25.48
CA PRO A 416 -15.91 -27.33 25.53
C PRO A 416 -15.97 -28.16 26.82
N ALA A 417 -15.43 -29.36 26.78
CA ALA A 417 -15.18 -30.20 27.96
C ALA A 417 -13.69 -30.08 28.28
N GLU A 418 -13.08 -31.10 28.87
CA GLU A 418 -11.67 -31.03 29.34
C GLU A 418 -10.73 -31.05 28.13
N TYR A 419 -9.76 -30.15 28.10
CA TYR A 419 -8.76 -30.11 27.03
C TYR A 419 -7.71 -31.18 27.33
N SER A 420 -7.37 -31.95 26.33
CA SER A 420 -6.21 -32.86 26.35
C SER A 420 -4.89 -32.09 26.14
N GLU A 421 -3.77 -32.80 26.23
CA GLU A 421 -2.42 -32.28 25.93
C GLU A 421 -2.40 -31.81 24.46
N SER A 422 -2.92 -32.65 23.57
CA SER A 422 -3.08 -32.38 22.12
C SER A 422 -3.85 -31.08 21.96
N ASP A 423 -5.01 -30.95 22.62
CA ASP A 423 -5.85 -29.75 22.56
C ASP A 423 -5.01 -28.53 23.03
N LYS A 424 -4.17 -28.70 24.05
CA LYS A 424 -3.52 -27.54 24.68
C LYS A 424 -2.34 -27.09 23.79
N THR A 425 -1.67 -28.04 23.15
CA THR A 425 -0.62 -27.76 22.12
C THR A 425 -1.22 -26.85 21.04
N LEU A 426 -2.44 -27.12 20.61
CA LEU A 426 -3.08 -26.32 19.53
C LEU A 426 -3.48 -24.94 20.10
N ILE A 427 -4.14 -24.90 21.26
CA ILE A 427 -4.51 -23.61 21.91
C ILE A 427 -3.26 -22.72 22.05
N ALA A 428 -2.15 -23.31 22.44
CA ALA A 428 -0.89 -22.54 22.59
C ALA A 428 -0.56 -21.86 21.26
N SER A 429 -0.54 -22.61 20.13
CA SER A 429 -0.21 -22.03 18.81
C SER A 429 -1.23 -20.95 18.46
N LEU A 430 -2.49 -21.07 18.91
CA LEU A 430 -3.49 -20.03 18.67
C LEU A 430 -3.12 -18.76 19.45
N ASN A 431 -2.71 -18.89 20.73
CA ASN A 431 -2.33 -17.71 21.54
C ASN A 431 -1.02 -17.11 21.02
N ASN A 432 -0.09 -17.95 20.53
CA ASN A 432 1.21 -17.48 19.98
C ASN A 432 1.02 -16.81 18.62
N LEU A 433 -0.15 -16.91 17.97
CA LEU A 433 -0.23 -16.46 16.57
C LEU A 433 -0.19 -14.93 16.50
N ALA A 434 -0.89 -14.24 17.41
CA ALA A 434 -1.02 -12.76 17.32
C ALA A 434 0.37 -12.09 17.41
N GLY A 435 1.26 -12.58 18.26
CA GLY A 435 2.59 -11.99 18.38
C GLY A 435 3.30 -12.03 17.05
N THR A 436 3.29 -13.20 16.40
CA THR A 436 4.00 -13.49 15.14
C THR A 436 3.40 -12.63 14.02
N VAL A 437 2.08 -12.56 13.98
CA VAL A 437 1.33 -11.91 12.86
C VAL A 437 1.42 -10.41 13.01
N ASP A 438 1.23 -9.92 14.22
CA ASP A 438 1.42 -8.49 14.51
C ASP A 438 2.85 -8.06 14.14
N HIS A 439 3.86 -8.81 14.57
CA HIS A 439 5.28 -8.49 14.26
C HIS A 439 5.45 -8.38 12.75
N TYR A 440 4.90 -9.32 11.98
CA TYR A 440 5.09 -9.32 10.52
C TYR A 440 4.31 -8.15 9.92
N TYR A 441 3.04 -7.92 10.31
CA TYR A 441 2.28 -6.81 9.70
C TYR A 441 2.98 -5.47 9.97
N CYS A 442 3.60 -5.33 11.14
CA CYS A 442 4.24 -4.03 11.52
C CYS A 442 5.64 -3.91 10.86
N LEU A 443 6.21 -4.96 10.30
CA LEU A 443 7.60 -4.91 9.76
C LEU A 443 7.72 -3.88 8.62
N PRO A 444 6.86 -3.81 7.57
CA PRO A 444 5.80 -4.77 7.27
C PRO A 444 6.30 -5.85 6.31
N ASP A 445 5.74 -7.04 6.50
CA ASP A 445 6.01 -8.27 5.70
C ASP A 445 4.65 -8.97 5.66
N ILE A 446 3.83 -8.66 4.67
CA ILE A 446 2.45 -9.20 4.59
C ILE A 446 2.54 -10.64 4.12
N GLN A 447 3.52 -10.96 3.26
CA GLN A 447 3.68 -12.34 2.73
C GLN A 447 3.87 -13.32 3.91
N HIS A 448 4.79 -13.03 4.83
CA HIS A 448 5.05 -13.89 6.01
C HIS A 448 3.90 -13.85 7.03
N ALA A 449 3.18 -12.75 7.21
CA ALA A 449 1.94 -12.77 8.03
C ALA A 449 1.02 -13.86 7.46
N LEU A 450 0.83 -13.86 6.14
CA LEU A 450 -0.09 -14.85 5.49
C LEU A 450 0.45 -16.26 5.66
N ILE A 451 1.76 -16.47 5.49
CA ILE A 451 2.33 -17.83 5.67
C ILE A 451 2.06 -18.30 7.11
N ALA A 452 2.27 -17.44 8.11
CA ALA A 452 2.12 -17.82 9.54
C ALA A 452 0.64 -18.18 9.82
N ILE A 453 -0.30 -17.41 9.28
CA ILE A 453 -1.76 -17.71 9.45
C ILE A 453 -2.06 -19.05 8.80
N PHE A 454 -1.61 -19.28 7.56
CA PHE A 454 -1.91 -20.55 6.86
C PHE A 454 -1.22 -21.74 7.54
N ASP A 455 -0.06 -21.58 8.19
CA ASP A 455 0.54 -22.67 9.00
C ASP A 455 -0.50 -23.11 10.04
N VAL A 456 -1.16 -22.16 10.66
CA VAL A 456 -2.13 -22.48 11.74
C VAL A 456 -3.42 -23.06 11.12
N LEU A 457 -3.92 -22.51 10.01
CA LEU A 457 -5.10 -23.09 9.31
C LEU A 457 -4.83 -24.54 8.89
N ARG A 458 -3.63 -24.86 8.38
CA ARG A 458 -3.26 -26.27 8.08
C ARG A 458 -3.34 -27.10 9.38
N SER A 459 -2.80 -26.61 10.49
CA SER A 459 -2.84 -27.29 11.83
C SER A 459 -4.28 -27.61 12.23
N LEU A 460 -5.16 -26.64 12.02
CA LEU A 460 -6.58 -26.78 12.42
C LEU A 460 -7.24 -27.91 11.59
N ASN A 461 -6.95 -27.97 10.30
CA ASN A 461 -7.48 -29.07 9.45
C ASN A 461 -6.91 -30.41 9.91
N ALA A 462 -5.62 -30.50 10.21
CA ALA A 462 -5.02 -31.77 10.70
C ALA A 462 -5.70 -32.16 12.03
N TYR A 463 -5.97 -31.18 12.90
CA TYR A 463 -6.59 -31.41 14.22
C TYR A 463 -8.03 -31.94 14.03
N VAL A 464 -8.81 -31.36 13.13
CA VAL A 464 -10.19 -31.88 12.84
C VAL A 464 -10.08 -33.33 12.31
N THR A 465 -9.17 -33.57 11.38
CA THR A 465 -8.99 -34.90 10.74
C THR A 465 -8.62 -35.93 11.83
N GLU A 466 -7.57 -35.69 12.61
CA GLU A 466 -7.08 -36.53 13.73
C GLU A 466 -8.24 -36.87 14.67
N ASN A 467 -9.14 -35.94 14.92
CA ASN A 467 -10.22 -36.13 15.92
C ASN A 467 -11.46 -36.75 15.24
N ALA A 468 -11.57 -36.67 13.92
CA ALA A 468 -12.63 -37.35 13.15
C ALA A 468 -14.00 -37.04 13.76
N PRO A 469 -14.51 -35.79 13.61
CA PRO A 469 -15.81 -35.44 14.16
C PRO A 469 -16.97 -36.27 13.60
N TRP A 470 -16.80 -36.83 12.39
CA TRP A 470 -17.86 -37.64 11.72
C TRP A 470 -18.20 -38.87 12.59
N LYS A 471 -17.21 -39.40 13.31
CA LYS A 471 -17.35 -40.47 14.34
C LYS A 471 -17.89 -39.90 15.66
N LEU A 472 -17.27 -38.82 16.17
CA LEU A 472 -17.63 -38.25 17.50
C LEU A 472 -19.13 -37.89 17.52
N VAL A 473 -19.72 -37.46 16.42
CA VAL A 473 -21.13 -36.94 16.44
C VAL A 473 -22.09 -38.09 16.79
N LYS A 474 -21.66 -39.35 16.70
CA LYS A 474 -22.54 -40.51 17.01
C LYS A 474 -21.88 -41.46 18.03
N MET A 475 -21.14 -40.92 18.99
CA MET A 475 -20.15 -41.71 19.78
C MET A 475 -19.74 -40.96 21.03
N ASP A 476 -19.48 -39.66 20.93
CA ASP A 476 -18.94 -38.82 22.02
C ASP A 476 -19.31 -37.35 21.75
N THR A 477 -20.56 -36.97 22.04
CA THR A 477 -21.09 -35.59 21.94
C THR A 477 -20.21 -34.62 22.75
N ALA A 478 -19.72 -35.06 23.89
CA ALA A 478 -18.98 -34.17 24.82
C ALA A 478 -17.64 -33.84 24.16
N ARG A 479 -16.91 -34.86 23.69
CA ARG A 479 -15.62 -34.67 23.03
C ARG A 479 -15.82 -33.86 21.74
N LEU A 480 -16.93 -34.07 21.04
CA LEU A 480 -17.23 -33.31 19.80
C LEU A 480 -17.28 -31.83 20.15
N GLY A 481 -18.02 -31.49 21.22
CA GLY A 481 -18.15 -30.11 21.73
C GLY A 481 -16.78 -29.45 21.91
N THR A 482 -15.82 -30.16 22.50
CA THR A 482 -14.42 -29.67 22.69
C THR A 482 -13.77 -29.41 21.31
N VAL A 483 -13.79 -30.40 20.43
CA VAL A 483 -13.01 -30.33 19.17
C VAL A 483 -13.53 -29.16 18.34
N LEU A 484 -14.84 -29.00 18.29
CA LEU A 484 -15.48 -27.93 17.49
C LEU A 484 -15.19 -26.57 18.12
N TYR A 485 -15.28 -26.44 19.44
CA TYR A 485 -15.03 -25.14 20.08
C TYR A 485 -13.60 -24.66 19.76
N VAL A 486 -12.62 -25.53 19.93
CA VAL A 486 -11.20 -25.20 19.69
C VAL A 486 -11.05 -24.80 18.24
N THR A 487 -11.59 -25.60 17.32
CA THR A 487 -11.44 -25.41 15.86
C THR A 487 -12.05 -24.08 15.46
N MET A 488 -13.23 -23.78 15.97
CA MET A 488 -13.99 -22.57 15.58
C MET A 488 -13.32 -21.30 16.13
N GLU A 489 -12.79 -21.36 17.35
CA GLU A 489 -11.97 -20.28 17.94
C GLU A 489 -10.70 -20.07 17.08
N GLY A 490 -10.00 -21.14 16.73
CA GLY A 490 -8.83 -21.10 15.83
C GLY A 490 -9.15 -20.43 14.52
N LEU A 491 -10.28 -20.84 13.93
CA LEU A 491 -10.73 -20.29 12.62
C LEU A 491 -11.02 -18.82 12.79
N ARG A 492 -11.73 -18.41 13.85
CA ARG A 492 -12.01 -16.98 14.13
C ARG A 492 -10.67 -16.19 14.19
N ILE A 493 -9.70 -16.65 14.99
CA ILE A 493 -8.42 -15.92 15.17
C ILE A 493 -7.75 -15.76 13.80
N CYS A 494 -7.59 -16.84 13.04
CA CYS A 494 -6.95 -16.80 11.68
C CYS A 494 -7.71 -15.87 10.75
N THR A 495 -9.02 -15.96 10.76
CA THR A 495 -9.88 -15.12 9.90
C THR A 495 -9.76 -13.66 10.27
N MET A 496 -9.70 -13.34 11.57
CA MET A 496 -9.51 -11.94 12.02
C MET A 496 -8.24 -11.33 11.39
N PHE A 497 -7.16 -12.09 11.36
CA PHE A 497 -5.86 -11.63 10.81
C PHE A 497 -5.83 -11.68 9.27
N LEU A 498 -6.83 -12.29 8.65
CA LEU A 498 -6.98 -12.25 7.16
C LEU A 498 -7.91 -11.11 6.73
N GLN A 499 -8.67 -10.50 7.62
CA GLN A 499 -9.54 -9.36 7.27
C GLN A 499 -8.79 -8.27 6.47
N PRO A 500 -7.49 -7.96 6.78
CA PRO A 500 -6.79 -6.93 6.01
C PRO A 500 -6.63 -7.25 4.52
N VAL A 501 -6.46 -8.51 4.19
CA VAL A 501 -6.09 -8.95 2.81
C VAL A 501 -7.32 -9.36 2.02
N MET A 502 -8.27 -10.03 2.69
CA MET A 502 -9.47 -10.60 2.05
C MET A 502 -10.68 -10.14 2.84
N PRO A 503 -11.00 -8.84 2.85
CA PRO A 503 -12.04 -8.32 3.73
C PRO A 503 -13.47 -8.78 3.47
N GLN A 504 -13.84 -9.04 2.20
CA GLN A 504 -15.18 -9.56 1.83
C GLN A 504 -15.29 -11.04 2.23
N LYS A 505 -14.29 -11.85 1.89
CA LYS A 505 -14.32 -13.31 2.22
C LYS A 505 -14.18 -13.47 3.74
N ALA A 506 -13.39 -12.62 4.41
CA ALA A 506 -13.25 -12.71 5.89
C ALA A 506 -14.62 -12.45 6.55
N LYS A 507 -15.34 -11.45 6.05
CA LYS A 507 -16.67 -11.10 6.59
C LYS A 507 -17.61 -12.29 6.34
N GLU A 508 -17.49 -12.92 5.17
CA GLU A 508 -18.33 -14.07 4.79
C GLU A 508 -18.11 -15.17 5.84
N ILE A 509 -16.85 -15.41 6.22
CA ILE A 509 -16.50 -16.44 7.23
C ILE A 509 -17.05 -16.01 8.59
N MET A 510 -16.79 -14.79 9.06
CA MET A 510 -17.22 -14.34 10.41
C MET A 510 -18.75 -14.44 10.49
N ASP A 511 -19.48 -13.99 9.45
CA ASP A 511 -20.97 -14.08 9.38
C ASP A 511 -21.46 -15.55 9.49
N ALA A 512 -20.85 -16.44 8.72
CA ALA A 512 -21.19 -17.88 8.71
C ALA A 512 -21.00 -18.43 10.12
N LEU A 513 -19.89 -18.08 10.77
CA LEU A 513 -19.52 -18.63 12.09
C LEU A 513 -20.39 -17.99 13.18
N GLY A 514 -21.04 -16.87 12.89
CA GLY A 514 -21.79 -16.15 13.92
C GLY A 514 -20.88 -15.44 14.91
N VAL A 515 -19.67 -15.05 14.50
CA VAL A 515 -18.74 -14.29 15.41
C VAL A 515 -19.35 -12.91 15.61
N PRO A 516 -19.68 -12.46 16.85
CA PRO A 516 -20.26 -11.13 17.02
C PRO A 516 -19.30 -10.04 16.49
N GLU A 517 -19.88 -8.92 16.04
CA GLU A 517 -19.16 -7.80 15.41
C GLU A 517 -18.06 -7.33 16.35
N ALA A 518 -18.38 -7.21 17.63
CA ALA A 518 -17.48 -6.64 18.65
C ALA A 518 -16.27 -7.58 18.84
N ALA A 519 -16.38 -8.86 18.46
CA ALA A 519 -15.31 -9.86 18.64
C ALA A 519 -14.36 -9.95 17.43
N ARG A 520 -14.62 -9.18 16.37
CA ARG A 520 -13.90 -9.25 15.07
C ARG A 520 -12.65 -8.35 15.06
N VAL A 521 -12.72 -7.24 15.79
CA VAL A 521 -11.66 -6.20 15.80
C VAL A 521 -11.28 -5.87 17.24
N GLY A 522 -10.04 -5.44 17.44
CA GLY A 522 -9.57 -4.99 18.77
C GLY A 522 -8.62 -6.02 19.36
N MET A 523 -7.58 -5.56 20.06
CA MET A 523 -6.54 -6.46 20.60
C MET A 523 -7.13 -7.36 21.71
N GLU A 524 -8.30 -7.04 22.27
CA GLU A 524 -8.91 -7.94 23.28
C GLU A 524 -9.30 -9.28 22.65
N ASN A 525 -9.44 -9.35 21.33
CA ASN A 525 -9.85 -10.57 20.62
C ASN A 525 -8.62 -11.36 20.12
N TYR A 526 -7.41 -10.98 20.50
CA TYR A 526 -6.17 -11.60 19.99
C TYR A 526 -5.89 -12.94 20.70
N LEU A 527 -6.70 -13.33 21.68
CA LEU A 527 -6.40 -14.57 22.43
C LEU A 527 -7.52 -15.63 22.31
N PHE A 528 -7.19 -16.85 22.71
CA PHE A 528 -8.10 -18.02 22.66
C PHE A 528 -9.16 -17.89 23.76
N GLY A 529 -10.42 -18.06 23.38
CA GLY A 529 -11.52 -18.30 24.34
C GLY A 529 -12.46 -17.14 24.40
N ILE A 530 -12.68 -16.44 23.27
CA ILE A 530 -13.54 -15.24 23.24
C ILE A 530 -15.01 -15.63 23.09
N VAL A 531 -15.37 -16.45 22.12
CA VAL A 531 -16.81 -16.59 21.76
C VAL A 531 -17.52 -17.46 22.82
N LYS A 532 -18.70 -16.99 23.25
CA LYS A 532 -19.53 -17.69 24.29
C LYS A 532 -20.16 -18.95 23.70
N PRO A 533 -19.95 -20.14 24.30
CA PRO A 533 -20.78 -21.30 23.98
C PRO A 533 -22.25 -20.90 24.04
N GLY A 534 -23.03 -21.37 23.07
CA GLY A 534 -24.46 -21.04 22.92
C GLY A 534 -24.67 -19.96 21.89
N THR A 535 -23.60 -19.33 21.41
CA THR A 535 -23.70 -18.38 20.27
C THR A 535 -24.21 -19.15 19.04
N LYS A 536 -25.24 -18.61 18.35
CA LYS A 536 -25.81 -19.20 17.11
C LYS A 536 -24.83 -19.04 15.92
N ILE A 537 -24.55 -20.10 15.15
CA ILE A 537 -23.83 -19.93 13.86
C ILE A 537 -24.92 -19.66 12.82
N ALA A 538 -24.65 -18.83 11.79
CA ALA A 538 -25.59 -18.59 10.68
C ALA A 538 -25.43 -19.67 9.60
N GLY A 539 -24.27 -20.33 9.49
CA GLY A 539 -24.00 -21.34 8.48
C GLY A 539 -23.81 -20.78 7.07
N LEU A 540 -23.60 -21.66 6.13
CA LEU A 540 -23.57 -21.34 4.69
C LEU A 540 -24.90 -21.79 4.08
N ALA A 541 -25.57 -20.90 3.35
CA ALA A 541 -26.74 -21.20 2.49
C ALA A 541 -26.37 -22.32 1.51
N GLU A 542 -27.39 -22.87 0.83
CA GLU A 542 -27.31 -24.18 0.13
C GLU A 542 -26.18 -24.14 -0.91
N GLY A 543 -26.15 -23.13 -1.78
CA GLY A 543 -25.15 -23.04 -2.87
C GLY A 543 -23.90 -22.23 -2.52
N GLN A 544 -23.63 -21.98 -1.24
CA GLN A 544 -22.61 -20.97 -0.83
C GLN A 544 -21.36 -21.69 -0.35
N VAL A 545 -20.28 -21.55 -1.12
CA VAL A 545 -18.94 -22.10 -0.73
C VAL A 545 -17.99 -20.90 -0.73
N VAL A 546 -17.16 -20.78 0.29
CA VAL A 546 -16.38 -19.54 0.52
C VAL A 546 -15.31 -19.45 -0.58
N PHE A 547 -14.56 -20.53 -0.74
CA PHE A 547 -13.61 -20.73 -1.86
C PHE A 547 -13.78 -22.17 -2.40
N GLN A 548 -13.96 -22.27 -3.71
CA GLN A 548 -14.15 -23.53 -4.48
C GLN A 548 -12.98 -23.74 -5.44
N LYS A 549 -12.38 -24.94 -5.44
CA LYS A 549 -11.31 -25.30 -6.39
C LYS A 549 -11.88 -25.06 -7.80
N VAL A 550 -11.00 -24.75 -8.74
CA VAL A 550 -11.36 -24.61 -10.19
C VAL A 550 -10.41 -25.46 -11.04
N THR A 551 -10.74 -25.63 -12.33
CA THR A 551 -9.88 -26.36 -13.30
C THR A 551 -8.75 -25.42 -13.76
N LEU A 552 -7.58 -25.93 -14.19
CA LEU A 552 -6.55 -25.11 -14.91
C LEU A 552 -6.82 -25.17 -16.41
N PRO A 553 -7.27 -24.08 -17.09
CA PRO A 553 -7.22 -24.03 -18.56
C PRO A 553 -5.85 -23.62 -19.10
#